data_9I3F
#
_entry.id   9I3F
#
_cell.length_a   73.199
_cell.length_b   81.820
_cell.length_c   120.871
_cell.angle_alpha   90.00
_cell.angle_beta   90.00
_cell.angle_gamma   90.00
#
_symmetry.space_group_name_H-M   'P 21 21 21'
#
loop_
_entity.id
_entity.type
_entity.pdbx_description
1 polymer 'Serine/threonine-protein kinase/endoribonuclease IRE2'
2 polymer 'Anterior gradient protein 2 homolog'
3 non-polymer 'MAGNESIUM ION'
4 water water
#
loop_
_entity_poly.entity_id
_entity_poly.type
_entity_poly.pdbx_seq_one_letter_code
_entity_poly.pdbx_strand_id
1 'polypeptide(L)' PRGLTLAPADGPTTDEVTLQVSGEREGSPSTAVRYPSGSVALPSQWLLIGHHE I,F,G,H
2 'polypeptide(L)'
;PQTLSRGWGDQLIWTQTYEEALYKSKTSNKPLMIIHHLDECPHSQALKKVFAENKEIQKLAEQFVLLNLVYETTDKHLSP
DGQYVPRIMFVDPSLTVRADITGRYSNRLYAYEPADTALLLDNMKKALKLL
;
A,B,C,D
#
# COMPACT_ATOMS: atom_id res chain seq x y z
N ASP A 10 3.09 -34.42 -9.94
CA ASP A 10 4.00 -34.21 -11.10
C ASP A 10 5.46 -34.35 -10.67
N GLY A 11 5.74 -35.19 -9.65
CA GLY A 11 7.11 -35.43 -9.24
C GLY A 11 7.25 -35.74 -7.76
N PRO A 12 8.48 -35.99 -7.28
CA PRO A 12 8.71 -36.30 -5.87
C PRO A 12 8.38 -35.14 -4.94
N THR A 13 8.07 -35.45 -3.68
CA THR A 13 7.68 -34.45 -2.69
C THR A 13 8.68 -34.49 -1.55
N THR A 14 8.74 -33.38 -0.80
CA THR A 14 9.52 -33.31 0.43
C THR A 14 8.62 -32.81 1.56
N ASP A 15 8.91 -33.30 2.77
CA ASP A 15 8.33 -32.75 3.98
C ASP A 15 9.43 -32.06 4.80
N GLU A 16 10.61 -31.82 4.21
CA GLU A 16 11.73 -31.24 4.97
C GLU A 16 11.75 -29.72 4.86
N VAL A 17 10.64 -29.07 5.22
CA VAL A 17 10.50 -27.63 5.31
C VAL A 17 9.80 -27.27 6.62
N THR A 18 9.92 -26.00 7.03
CA THR A 18 9.11 -25.41 8.09
C THR A 18 8.21 -24.35 7.48
N LEU A 19 6.92 -24.34 7.86
CA LEU A 19 5.97 -23.36 7.34
C LEU A 19 6.05 -22.08 8.18
N GLN A 20 6.06 -20.91 7.51
CA GLN A 20 6.14 -19.62 8.19
C GLN A 20 4.84 -19.33 8.93
N SER A 30 8.87 -4.06 -7.16
CA SER A 30 8.63 -3.87 -8.62
C SER A 30 9.42 -4.88 -9.44
N THR A 31 9.41 -6.15 -9.02
CA THR A 31 10.03 -7.21 -9.81
C THR A 31 8.98 -7.75 -10.80
N ALA A 32 9.46 -8.27 -11.93
CA ALA A 32 8.67 -9.14 -12.78
C ALA A 32 8.91 -10.58 -12.32
N VAL A 33 8.16 -11.52 -12.92
CA VAL A 33 8.32 -12.93 -12.60
C VAL A 33 8.26 -13.74 -13.91
N ARG A 34 9.13 -14.74 -14.00
CA ARG A 34 9.10 -15.71 -15.08
C ARG A 34 8.81 -17.08 -14.47
N TYR A 35 7.69 -17.69 -14.90
CA TYR A 35 7.22 -18.97 -14.39
C TYR A 35 7.84 -20.12 -15.17
N PRO A 36 7.79 -21.38 -14.64
CA PRO A 36 8.27 -22.54 -15.37
C PRO A 36 7.48 -22.91 -16.63
N GLN B 2 -30.32 9.13 -6.12
CA GLN B 2 -29.43 9.90 -5.20
C GLN B 2 -28.46 10.73 -6.05
N THR B 3 -28.11 11.92 -5.53
CA THR B 3 -27.18 12.84 -6.16
C THR B 3 -25.98 13.03 -5.22
N LEU B 4 -24.87 13.56 -5.75
CA LEU B 4 -23.57 13.40 -5.12
C LEU B 4 -23.29 14.51 -4.10
N SER B 5 -23.87 15.70 -4.28
CA SER B 5 -23.64 16.84 -3.39
C SER B 5 -23.83 16.44 -1.92
N ARG B 6 -24.96 15.79 -1.65
CA ARG B 6 -25.36 15.36 -0.31
C ARG B 6 -25.33 16.55 0.66
N GLY B 7 -25.72 17.74 0.15
CA GLY B 7 -25.82 18.95 0.95
C GLY B 7 -24.50 19.71 1.13
N TRP B 8 -23.40 19.25 0.50
CA TRP B 8 -22.09 19.86 0.69
C TRP B 8 -21.85 20.99 -0.31
N GLY B 9 -22.64 21.04 -1.39
CA GLY B 9 -22.48 22.07 -2.41
C GLY B 9 -23.17 21.67 -3.70
N ASP B 10 -24.44 22.07 -3.84
CA ASP B 10 -25.28 21.64 -4.93
C ASP B 10 -24.80 22.20 -6.27
N GLN B 11 -24.09 23.34 -6.25
CA GLN B 11 -23.58 23.99 -7.44
C GLN B 11 -22.18 23.49 -7.82
N LEU B 12 -21.58 22.62 -6.98
CA LEU B 12 -20.26 22.12 -7.27
C LEU B 12 -20.34 20.81 -8.07
N ILE B 13 -19.23 20.47 -8.73
CA ILE B 13 -19.14 19.28 -9.55
C ILE B 13 -18.42 18.21 -8.74
N TRP B 14 -19.19 17.22 -8.27
CA TRP B 14 -18.65 16.11 -7.49
C TRP B 14 -18.38 14.93 -8.43
N THR B 15 -17.37 14.11 -8.08
N THR B 15 -17.39 14.09 -8.07
CA THR B 15 -17.15 12.84 -8.73
CA THR B 15 -17.15 12.82 -8.74
C THR B 15 -17.82 11.75 -7.88
C THR B 15 -17.62 11.67 -7.84
N GLN B 16 -18.03 10.57 -8.49
CA GLN B 16 -18.80 9.53 -7.87
C GLN B 16 -17.93 8.64 -6.99
N THR B 17 -16.76 8.21 -7.49
CA THR B 17 -15.93 7.26 -6.77
C THR B 17 -14.52 7.79 -6.60
N TYR B 18 -13.81 7.18 -5.65
CA TYR B 18 -12.41 7.50 -5.38
C TYR B 18 -11.54 7.28 -6.63
N GLU B 19 -11.74 6.15 -7.33
CA GLU B 19 -10.87 5.77 -8.44
C GLU B 19 -11.01 6.77 -9.59
N GLU B 20 -12.25 7.17 -9.88
CA GLU B 20 -12.51 8.19 -10.88
C GLU B 20 -11.88 9.52 -10.44
N ALA B 21 -11.96 9.83 -9.13
CA ALA B 21 -11.44 11.09 -8.60
C ALA B 21 -9.93 11.16 -8.78
N LEU B 22 -9.25 10.03 -8.51
CA LEU B 22 -7.81 9.94 -8.70
C LEU B 22 -7.45 10.20 -10.16
N TYR B 23 -8.21 9.60 -11.08
CA TYR B 23 -7.97 9.75 -12.51
C TYR B 23 -8.10 11.22 -12.91
N LYS B 24 -9.19 11.86 -12.49
CA LYS B 24 -9.45 13.25 -12.84
C LYS B 24 -8.37 14.18 -12.27
N SER B 25 -7.94 13.92 -11.03
CA SER B 25 -6.89 14.71 -10.38
C SER B 25 -5.60 14.64 -11.20
N LYS B 26 -5.16 13.41 -11.53
CA LYS B 26 -3.91 13.20 -12.23
C LYS B 26 -3.93 13.85 -13.62
N THR B 27 -5.05 13.74 -14.34
CA THR B 27 -5.11 14.23 -15.71
C THR B 27 -5.35 15.73 -15.74
N SER B 28 -6.15 16.27 -14.80
CA SER B 28 -6.46 17.69 -14.77
C SER B 28 -5.31 18.48 -14.13
N ASN B 29 -4.55 17.80 -13.26
CA ASN B 29 -3.50 18.40 -12.45
C ASN B 29 -4.09 19.30 -11.36
N LYS B 30 -5.38 19.13 -11.05
CA LYS B 30 -5.96 19.75 -9.88
C LYS B 30 -5.87 18.79 -8.69
N PRO B 31 -5.69 19.30 -7.46
CA PRO B 31 -5.72 18.43 -6.27
C PRO B 31 -7.14 17.97 -5.95
N LEU B 32 -7.24 16.95 -5.11
CA LEU B 32 -8.49 16.30 -4.78
C LEU B 32 -8.79 16.47 -3.29
N MET B 33 -10.01 16.92 -2.98
N MET B 33 -9.98 16.97 -2.97
CA MET B 33 -10.51 17.07 -1.63
CA MET B 33 -10.46 17.06 -1.59
C MET B 33 -11.57 16.00 -1.37
C MET B 33 -11.55 16.00 -1.38
N ILE B 34 -11.37 15.19 -0.32
CA ILE B 34 -12.28 14.11 0.02
C ILE B 34 -12.88 14.33 1.41
N ILE B 35 -14.22 14.43 1.44
CA ILE B 35 -14.98 14.67 2.66
C ILE B 35 -15.70 13.38 3.08
N HIS B 36 -15.28 12.81 4.21
CA HIS B 36 -15.94 11.66 4.82
C HIS B 36 -16.95 12.14 5.86
N HIS B 37 -18.19 11.68 5.73
CA HIS B 37 -19.28 12.09 6.60
C HIS B 37 -20.29 10.95 6.75
N LEU B 38 -21.22 11.12 7.71
CA LEU B 38 -22.37 10.24 7.90
C LEU B 38 -23.61 11.12 8.08
N ASP B 39 -24.74 10.68 7.55
CA ASP B 39 -26.01 11.38 7.71
C ASP B 39 -26.46 11.38 9.18
N GLU B 40 -26.11 10.31 9.91
CA GLU B 40 -26.56 10.16 11.29
C GLU B 40 -25.60 10.88 12.25
N CYS B 41 -24.54 11.50 11.72
CA CYS B 41 -23.53 12.15 12.55
C CYS B 41 -23.85 13.65 12.69
N PRO B 42 -24.15 14.15 13.91
CA PRO B 42 -24.46 15.56 14.11
C PRO B 42 -23.27 16.49 13.89
N HIS B 43 -22.05 15.96 14.09
CA HIS B 43 -20.84 16.70 13.84
C HIS B 43 -20.68 16.92 12.33
N SER B 44 -20.94 15.86 11.56
CA SER B 44 -20.97 15.89 10.10
C SER B 44 -21.95 16.96 9.61
N GLN B 45 -23.16 17.00 10.18
CA GLN B 45 -24.18 17.93 9.72
C GLN B 45 -23.82 19.38 10.07
N ALA B 46 -23.24 19.62 11.26
CA ALA B 46 -22.85 20.96 11.66
C ALA B 46 -21.75 21.50 10.73
N LEU B 47 -20.80 20.64 10.35
CA LEU B 47 -19.72 21.07 9.47
C LEU B 47 -20.25 21.28 8.05
N LYS B 48 -21.14 20.38 7.62
CA LYS B 48 -21.79 20.49 6.32
C LYS B 48 -22.40 21.88 6.17
N LYS B 49 -23.14 22.30 7.21
CA LYS B 49 -23.85 23.57 7.20
C LYS B 49 -22.88 24.72 6.97
N VAL B 50 -21.76 24.76 7.71
CA VAL B 50 -20.84 25.88 7.59
C VAL B 50 -20.10 25.79 6.26
N PHE B 51 -19.77 24.57 5.80
CA PHE B 51 -19.11 24.39 4.51
C PHE B 51 -20.01 24.87 3.38
N ALA B 52 -21.29 24.47 3.42
CA ALA B 52 -22.25 24.77 2.37
C ALA B 52 -22.50 26.28 2.23
N GLU B 53 -22.47 27.00 3.36
CA GLU B 53 -22.85 28.40 3.40
C GLU B 53 -21.63 29.32 3.35
N ASN B 54 -20.42 28.74 3.37
CA ASN B 54 -19.20 29.53 3.35
C ASN B 54 -18.86 29.91 1.91
N LYS B 55 -18.92 31.21 1.60
CA LYS B 55 -18.76 31.69 0.24
C LYS B 55 -17.32 31.44 -0.24
N GLU B 56 -16.33 31.70 0.62
CA GLU B 56 -14.94 31.54 0.24
C GLU B 56 -14.61 30.07 -0.03
N ILE B 57 -15.07 29.18 0.86
CA ILE B 57 -14.80 27.76 0.69
C ILE B 57 -15.49 27.27 -0.57
N GLN B 58 -16.76 27.66 -0.74
CA GLN B 58 -17.55 27.23 -1.89
C GLN B 58 -16.85 27.67 -3.18
N LYS B 59 -16.28 28.88 -3.16
CA LYS B 59 -15.65 29.43 -4.34
C LYS B 59 -14.35 28.68 -4.65
N LEU B 60 -13.50 28.53 -3.62
CA LEU B 60 -12.19 27.94 -3.81
C LEU B 60 -12.30 26.44 -4.16
N ALA B 61 -13.40 25.82 -3.75
CA ALA B 61 -13.61 24.38 -3.94
C ALA B 61 -13.68 24.02 -5.43
N GLU B 62 -13.98 25.02 -6.27
CA GLU B 62 -14.07 24.82 -7.71
C GLU B 62 -12.72 24.49 -8.31
N GLN B 63 -11.63 24.78 -7.58
CA GLN B 63 -10.28 24.53 -8.06
C GLN B 63 -9.78 23.13 -7.69
N PHE B 64 -10.69 22.29 -7.20
CA PHE B 64 -10.37 20.92 -6.79
C PHE B 64 -11.19 19.90 -7.56
N VAL B 65 -10.67 18.67 -7.64
CA VAL B 65 -11.53 17.52 -7.79
C VAL B 65 -12.18 17.26 -6.43
N LEU B 66 -13.48 16.98 -6.43
CA LEU B 66 -14.30 16.97 -5.23
C LEU B 66 -14.93 15.59 -5.06
N LEU B 67 -14.86 15.04 -3.85
CA LEU B 67 -15.42 13.75 -3.52
C LEU B 67 -15.96 13.78 -2.09
N ASN B 68 -17.23 13.40 -1.90
CA ASN B 68 -17.75 13.17 -0.55
C ASN B 68 -18.31 11.74 -0.46
N LEU B 69 -17.97 11.08 0.65
CA LEU B 69 -18.22 9.65 0.87
C LEU B 69 -18.96 9.46 2.19
N VAL B 70 -20.00 8.60 2.16
CA VAL B 70 -20.63 8.10 3.36
C VAL B 70 -20.21 6.65 3.65
N TYR B 71 -19.26 6.11 2.86
N TYR B 71 -19.27 6.12 2.85
CA TYR B 71 -18.65 4.84 3.17
CA TYR B 71 -18.65 4.82 3.11
C TYR B 71 -17.17 4.89 2.77
C TYR B 71 -17.17 4.90 2.77
N GLU B 72 -16.33 4.32 3.62
CA GLU B 72 -14.87 4.42 3.47
C GLU B 72 -14.40 3.72 2.20
N THR B 73 -13.33 4.24 1.61
CA THR B 73 -12.57 3.54 0.58
C THR B 73 -11.81 2.42 1.27
N THR B 74 -11.06 1.64 0.49
CA THR B 74 -10.15 0.65 1.04
C THR B 74 -8.71 1.18 1.00
N ASP B 75 -8.53 2.47 0.73
CA ASP B 75 -7.20 3.06 0.78
C ASP B 75 -6.89 3.43 2.22
N LYS B 76 -5.96 2.72 2.85
CA LYS B 76 -5.60 2.96 4.23
C LYS B 76 -4.94 4.33 4.42
N HIS B 77 -4.38 4.88 3.35
CA HIS B 77 -3.68 6.16 3.41
C HIS B 77 -4.66 7.32 3.57
N LEU B 78 -5.95 7.07 3.35
CA LEU B 78 -6.98 8.07 3.64
C LEU B 78 -7.44 8.00 5.10
N SER B 79 -6.86 7.11 5.91
CA SER B 79 -7.19 7.08 7.33
C SER B 79 -5.92 6.82 8.15
N PRO B 80 -4.94 7.74 8.09
CA PRO B 80 -3.69 7.59 8.83
C PRO B 80 -3.85 7.47 10.35
N ASP B 81 -4.92 8.07 10.92
CA ASP B 81 -5.17 7.94 12.36
C ASP B 81 -6.60 7.49 12.62
N GLY B 82 -7.16 6.66 11.71
CA GLY B 82 -8.36 5.92 12.00
C GLY B 82 -9.56 6.47 11.22
N GLN B 83 -10.67 5.73 11.31
CA GLN B 83 -11.87 6.01 10.54
C GLN B 83 -12.86 6.69 11.48
N TYR B 84 -13.04 7.99 11.26
CA TYR B 84 -13.95 8.83 12.03
C TYR B 84 -14.49 9.88 11.08
N VAL B 85 -15.62 10.48 11.42
CA VAL B 85 -16.19 11.55 10.62
C VAL B 85 -16.57 12.70 11.53
N PRO B 86 -16.59 13.95 11.03
CA PRO B 86 -16.19 14.25 9.66
C PRO B 86 -14.68 14.34 9.53
N ARG B 87 -14.18 13.98 8.34
CA ARG B 87 -12.75 13.90 8.09
C ARG B 87 -12.48 14.34 6.66
N ILE B 88 -11.61 15.34 6.50
CA ILE B 88 -11.32 15.88 5.18
C ILE B 88 -9.86 15.63 4.86
N MET B 89 -9.62 14.88 3.77
CA MET B 89 -8.30 14.51 3.30
C MET B 89 -8.02 15.22 1.97
N PHE B 90 -6.73 15.48 1.70
CA PHE B 90 -6.31 16.06 0.43
C PHE B 90 -5.35 15.10 -0.28
N VAL B 91 -5.49 15.04 -1.62
CA VAL B 91 -4.67 14.21 -2.47
C VAL B 91 -4.05 15.07 -3.59
N ASP B 92 -2.73 14.95 -3.74
CA ASP B 92 -1.98 15.63 -4.79
C ASP B 92 -2.23 14.93 -6.13
N PRO B 93 -2.20 15.65 -7.28
CA PRO B 93 -2.32 15.03 -8.60
C PRO B 93 -1.32 13.90 -8.91
N SER B 94 -0.21 13.85 -8.16
CA SER B 94 0.76 12.77 -8.25
C SER B 94 0.20 11.49 -7.65
N LEU B 95 -0.95 11.63 -6.97
CA LEU B 95 -1.67 10.56 -6.29
C LEU B 95 -1.00 10.25 -4.94
N THR B 96 -0.14 11.15 -4.46
CA THR B 96 0.29 11.09 -3.07
C THR B 96 -0.77 11.77 -2.21
N VAL B 97 -1.17 11.09 -1.13
CA VAL B 97 -2.08 11.68 -0.17
C VAL B 97 -1.30 12.74 0.59
N ARG B 98 -1.92 13.92 0.77
CA ARG B 98 -1.27 15.01 1.47
C ARG B 98 -1.52 14.82 2.96
N ALA B 99 -0.82 13.85 3.55
CA ALA B 99 -1.01 13.53 4.96
C ALA B 99 -0.50 14.68 5.84
N ASP B 100 0.34 15.55 5.27
CA ASP B 100 0.91 16.69 5.97
C ASP B 100 -0.14 17.79 6.16
N ILE B 101 -1.22 17.76 5.36
CA ILE B 101 -2.24 18.80 5.48
C ILE B 101 -3.27 18.34 6.50
N THR B 102 -3.00 18.67 7.76
CA THR B 102 -3.75 18.21 8.92
C THR B 102 -4.63 19.33 9.44
N GLY B 103 -5.67 18.93 10.16
CA GLY B 103 -6.47 19.87 10.93
C GLY B 103 -5.79 20.11 12.29
N ARG B 104 -6.54 20.76 13.18
CA ARG B 104 -5.98 21.36 14.37
C ARG B 104 -5.63 20.32 15.45
N TYR B 105 -6.31 19.18 15.47
CA TYR B 105 -6.30 18.30 16.64
C TYR B 105 -5.38 17.10 16.46
N SER B 106 -4.58 16.85 17.50
CA SER B 106 -3.52 15.86 17.45
C SER B 106 -4.06 14.44 17.65
N ASN B 107 -5.27 14.30 18.20
CA ASN B 107 -5.84 12.97 18.43
C ASN B 107 -6.67 12.53 17.22
N ARG B 108 -7.12 13.50 16.40
CA ARG B 108 -7.87 13.24 15.18
C ARG B 108 -7.46 14.26 14.11
N LEU B 109 -6.41 13.91 13.37
CA LEU B 109 -5.61 14.87 12.63
C LEU B 109 -6.25 15.33 11.32
N TYR B 110 -7.43 14.81 10.94
CA TYR B 110 -8.08 15.26 9.72
C TYR B 110 -9.53 15.67 10.01
N ALA B 111 -9.83 15.84 11.31
CA ALA B 111 -11.15 16.30 11.73
C ALA B 111 -11.21 17.82 11.72
N TYR B 112 -12.40 18.35 11.41
CA TYR B 112 -12.65 19.77 11.41
C TYR B 112 -13.96 20.03 12.13
N GLU B 113 -13.94 21.07 12.98
CA GLU B 113 -15.12 21.56 13.68
C GLU B 113 -15.64 22.81 12.97
N PRO B 114 -16.85 23.31 13.31
CA PRO B 114 -17.40 24.50 12.66
C PRO B 114 -16.54 25.74 12.79
N ALA B 115 -15.78 25.88 13.90
CA ALA B 115 -14.92 27.04 14.10
C ALA B 115 -13.62 26.97 13.30
N ASP B 116 -13.45 25.94 12.46
CA ASP B 116 -12.16 25.70 11.82
C ASP B 116 -12.20 26.04 10.33
N THR B 117 -13.16 26.86 9.89
CA THR B 117 -13.31 27.10 8.46
C THR B 117 -12.11 27.90 7.92
N ALA B 118 -11.47 28.74 8.74
CA ALA B 118 -10.29 29.45 8.30
C ALA B 118 -9.12 28.50 8.09
N LEU B 119 -8.98 27.50 8.96
CA LEU B 119 -7.92 26.52 8.82
C LEU B 119 -8.20 25.66 7.58
N LEU B 120 -9.48 25.35 7.32
CA LEU B 120 -9.82 24.53 6.18
C LEU B 120 -9.45 25.28 4.90
N LEU B 121 -9.89 26.53 4.84
CA LEU B 121 -9.63 27.38 3.68
C LEU B 121 -8.12 27.45 3.43
N ASP B 122 -7.33 27.63 4.48
CA ASP B 122 -5.88 27.75 4.33
C ASP B 122 -5.27 26.42 3.89
N ASN B 123 -5.83 25.31 4.37
CA ASN B 123 -5.37 23.97 4.03
C ASN B 123 -5.67 23.66 2.56
N MET B 124 -6.80 24.18 2.06
CA MET B 124 -7.15 24.10 0.65
C MET B 124 -6.12 24.86 -0.17
N LYS B 125 -5.70 26.05 0.30
CA LYS B 125 -4.63 26.78 -0.37
C LYS B 125 -3.35 25.96 -0.36
N LYS B 126 -3.07 25.26 0.75
CA LYS B 126 -1.83 24.49 0.85
C LYS B 126 -1.87 23.34 -0.15
N ALA B 127 -3.05 22.74 -0.33
CA ALA B 127 -3.20 21.63 -1.27
C ALA B 127 -2.97 22.10 -2.71
N LEU B 128 -3.32 23.37 -2.99
CA LEU B 128 -3.19 23.94 -4.32
C LEU B 128 -1.72 24.22 -4.64
N LYS B 129 -0.85 24.28 -3.61
CA LYS B 129 0.59 24.28 -3.82
C LYS B 129 1.05 22.84 -4.00
N LEU B 130 1.13 22.40 -5.26
CA LEU B 130 1.28 20.99 -5.59
C LEU B 130 2.67 20.51 -5.22
N LEU B 131 2.80 19.21 -4.97
CA LEU B 131 4.08 18.57 -4.69
C LEU B 131 4.97 18.65 -5.94
N GLN C 2 30.60 -9.00 7.88
CA GLN C 2 29.91 -7.68 8.02
C GLN C 2 28.87 -7.76 9.13
N THR C 3 28.95 -6.82 10.08
CA THR C 3 28.05 -6.77 11.21
C THR C 3 26.91 -5.80 10.91
N LEU C 4 25.80 -5.95 11.65
CA LEU C 4 24.65 -5.08 11.52
C LEU C 4 24.88 -3.72 12.18
N SER C 5 25.72 -3.67 13.22
N SER C 5 25.71 -3.69 13.23
CA SER C 5 25.97 -2.44 13.95
CA SER C 5 26.01 -2.47 13.96
C SER C 5 26.53 -1.38 13.00
C SER C 5 26.54 -1.39 13.02
N ARG C 6 27.56 -1.77 12.23
CA ARG C 6 28.24 -0.88 11.31
C ARG C 6 28.78 0.35 12.05
N GLY C 7 29.20 0.14 13.31
CA GLY C 7 29.85 1.18 14.10
C GLY C 7 28.89 2.02 14.94
N TRP C 8 27.57 1.81 14.82
CA TRP C 8 26.60 2.62 15.53
C TRP C 8 26.41 2.19 16.99
N GLY C 9 26.76 0.93 17.30
CA GLY C 9 26.62 0.42 18.65
C GLY C 9 26.77 -1.09 18.68
N ASP C 10 28.02 -1.54 18.90
CA ASP C 10 28.39 -2.95 18.78
C ASP C 10 27.72 -3.78 19.87
N GLN C 11 27.29 -3.15 20.97
CA GLN C 11 26.70 -3.90 22.07
C GLN C 11 25.17 -3.85 21.99
N LEU C 12 24.62 -3.17 20.97
CA LEU C 12 23.17 -3.12 20.80
C LEU C 12 22.74 -4.28 19.91
N ILE C 13 21.42 -4.54 19.88
CA ILE C 13 20.84 -5.58 19.04
C ILE C 13 20.13 -4.94 17.86
N TRP C 14 20.79 -5.04 16.70
CA TRP C 14 20.28 -4.48 15.46
C TRP C 14 19.47 -5.54 14.73
N THR C 15 18.41 -5.08 14.05
N THR C 15 18.40 -5.10 14.06
CA THR C 15 17.58 -5.90 13.18
CA THR C 15 17.61 -5.95 13.18
C THR C 15 18.08 -5.75 11.74
C THR C 15 18.14 -5.78 11.76
N GLN C 16 17.99 -6.82 10.95
CA GLN C 16 18.58 -6.84 9.61
C GLN C 16 17.72 -6.07 8.61
N THR C 17 16.41 -6.30 8.58
CA THR C 17 15.57 -5.76 7.52
C THR C 17 14.43 -4.93 8.13
N TYR C 18 13.89 -4.02 7.32
CA TYR C 18 12.81 -3.13 7.75
C TYR C 18 11.56 -3.95 8.08
N GLU C 19 11.26 -4.96 7.25
CA GLU C 19 10.06 -5.75 7.38
C GLU C 19 10.09 -6.45 8.74
N GLU C 20 11.25 -7.02 9.07
CA GLU C 20 11.39 -7.69 10.35
C GLU C 20 11.29 -6.67 11.49
N ALA C 21 11.87 -5.48 11.29
CA ALA C 21 11.88 -4.44 12.32
C ALA C 21 10.44 -4.01 12.63
N LEU C 22 9.62 -3.86 11.60
CA LEU C 22 8.21 -3.51 11.80
C LEU C 22 7.51 -4.62 12.61
N TYR C 23 7.82 -5.88 12.30
CA TYR C 23 7.20 -6.99 13.00
C TYR C 23 7.61 -6.95 14.47
N LYS C 24 8.91 -6.77 14.74
CA LYS C 24 9.42 -6.75 16.11
C LYS C 24 8.88 -5.57 16.90
N SER C 25 8.69 -4.40 16.26
CA SER C 25 8.12 -3.25 16.94
C SER C 25 6.68 -3.55 17.38
N LYS C 26 5.89 -4.09 16.45
CA LYS C 26 4.48 -4.38 16.69
C LYS C 26 4.32 -5.39 17.82
N THR C 27 5.18 -6.43 17.85
CA THR C 27 4.96 -7.52 18.78
C THR C 27 5.58 -7.19 20.13
N SER C 28 6.68 -6.42 20.17
CA SER C 28 7.33 -6.07 21.43
C SER C 28 6.68 -4.82 22.05
N ASN C 29 5.97 -4.04 21.23
CA ASN C 29 5.40 -2.76 21.63
C ASN C 29 6.50 -1.76 21.95
N LYS C 30 7.69 -1.94 21.36
CA LYS C 30 8.75 -0.97 21.43
C LYS C 30 8.76 -0.16 20.14
N PRO C 31 9.05 1.17 20.18
CA PRO C 31 9.18 1.93 18.95
C PRO C 31 10.48 1.56 18.25
N LEU C 32 10.53 1.92 16.97
CA LEU C 32 11.63 1.56 16.07
C LEU C 32 12.36 2.85 15.71
N MET C 33 13.69 2.85 15.91
CA MET C 33 14.54 3.94 15.45
C MET C 33 15.35 3.44 14.27
N ILE C 34 15.31 4.21 13.17
CA ILE C 34 15.95 3.85 11.90
C ILE C 34 16.96 4.93 11.53
N ILE C 35 18.24 4.53 11.47
CA ILE C 35 19.33 5.42 11.14
C ILE C 35 19.74 5.15 9.68
N HIS C 36 19.57 6.15 8.81
CA HIS C 36 20.03 6.08 7.42
C HIS C 36 21.39 6.78 7.29
N HIS C 37 22.38 6.05 6.74
CA HIS C 37 23.74 6.55 6.63
C HIS C 37 24.43 5.99 5.38
N LEU C 38 25.59 6.57 5.05
CA LEU C 38 26.45 6.04 3.99
C LEU C 38 27.89 6.01 4.52
N ASP C 39 28.63 4.98 4.13
CA ASP C 39 30.03 4.83 4.50
C ASP C 39 30.87 5.98 3.95
N GLU C 40 30.53 6.44 2.74
CA GLU C 40 31.32 7.44 2.03
C GLU C 40 30.94 8.85 2.51
N CYS C 41 29.95 8.95 3.38
CA CYS C 41 29.45 10.24 3.84
C CYS C 41 30.17 10.66 5.12
N PRO C 42 30.94 11.78 5.13
CA PRO C 42 31.69 12.16 6.31
C PRO C 42 30.81 12.68 7.43
N HIS C 43 29.59 13.12 7.07
CA HIS C 43 28.63 13.62 8.04
C HIS C 43 28.04 12.44 8.81
N SER C 44 27.71 11.36 8.08
CA SER C 44 27.30 10.08 8.66
C SER C 44 28.33 9.61 9.67
N GLN C 45 29.62 9.68 9.29
CA GLN C 45 30.69 9.20 10.14
C GLN C 45 30.81 10.05 11.39
N ALA C 46 30.69 11.38 11.26
CA ALA C 46 30.81 12.25 12.41
C ALA C 46 29.64 12.02 13.37
N LEU C 47 28.42 11.78 12.85
CA LEU C 47 27.27 11.50 13.70
C LEU C 47 27.42 10.12 14.36
N LYS C 48 27.85 9.11 13.58
CA LYS C 48 28.07 7.77 14.11
C LYS C 48 29.00 7.80 15.33
N LYS C 49 30.06 8.59 15.24
CA LYS C 49 31.07 8.63 16.29
C LYS C 49 30.44 9.09 17.60
N VAL C 50 29.68 10.19 17.54
CA VAL C 50 29.08 10.75 18.74
C VAL C 50 27.95 9.86 19.24
N PHE C 51 27.20 9.21 18.33
CA PHE C 51 26.11 8.32 18.72
C PHE C 51 26.68 7.11 19.45
N ALA C 52 27.73 6.53 18.87
CA ALA C 52 28.35 5.34 19.43
C ALA C 52 28.87 5.60 20.85
N GLU C 53 29.36 6.82 21.11
CA GLU C 53 30.11 7.11 22.33
C GLU C 53 29.26 7.81 23.38
N ASN C 54 28.00 8.13 23.05
CA ASN C 54 27.12 8.82 23.98
C ASN C 54 26.43 7.79 24.88
N LYS C 55 26.80 7.81 26.17
CA LYS C 55 26.33 6.80 27.10
C LYS C 55 24.81 6.84 27.25
N GLU C 56 24.24 8.05 27.29
CA GLU C 56 22.80 8.20 27.48
C GLU C 56 22.03 7.62 26.29
N ILE C 57 22.49 7.91 25.06
CA ILE C 57 21.83 7.40 23.86
C ILE C 57 21.95 5.89 23.80
N GLN C 58 23.17 5.37 24.05
CA GLN C 58 23.45 3.95 24.02
C GLN C 58 22.54 3.21 25.01
N LYS C 59 22.29 3.81 26.18
CA LYS C 59 21.45 3.21 27.20
C LYS C 59 19.99 3.25 26.78
N LEU C 60 19.49 4.42 26.35
CA LEU C 60 18.09 4.58 26.03
C LEU C 60 17.71 3.76 24.79
N ALA C 61 18.69 3.50 23.91
CA ALA C 61 18.48 2.79 22.66
C ALA C 61 17.97 1.38 22.90
N GLU C 62 18.31 0.79 24.05
CA GLU C 62 17.89 -0.55 24.38
C GLU C 62 16.37 -0.66 24.53
N GLN C 63 15.67 0.48 24.59
CA GLN C 63 14.22 0.49 24.67
C GLN C 63 13.56 0.51 23.29
N PHE C 64 14.38 0.45 22.24
CA PHE C 64 13.92 0.51 20.87
C PHE C 64 14.26 -0.78 20.13
N VAL C 65 13.45 -1.11 19.12
CA VAL C 65 13.92 -1.88 17.99
C VAL C 65 14.80 -0.96 17.15
N LEU C 66 15.94 -1.50 16.69
CA LEU C 66 17.02 -0.73 16.10
C LEU C 66 17.33 -1.23 14.70
N LEU C 67 17.40 -0.29 13.74
CA LEU C 67 17.73 -0.57 12.34
C LEU C 67 18.61 0.54 11.80
N ASN C 68 19.75 0.17 11.20
CA ASN C 68 20.56 1.14 10.46
C ASN C 68 20.75 0.61 9.04
N LEU C 69 20.63 1.52 8.06
CA LEU C 69 20.53 1.20 6.65
C LEU C 69 21.54 2.02 5.85
N VAL C 70 22.20 1.39 4.87
CA VAL C 70 23.00 2.09 3.88
C VAL C 70 22.28 2.14 2.54
N TYR C 71 21.01 1.68 2.50
CA TYR C 71 20.20 1.81 1.29
C TYR C 71 18.77 2.08 1.73
N GLU C 72 18.03 2.91 0.98
CA GLU C 72 16.69 3.33 1.37
C GLU C 72 15.72 2.15 1.32
N THR C 73 14.70 2.18 2.18
CA THR C 73 13.60 1.23 2.14
C THR C 73 12.68 1.62 0.98
N THR C 74 11.62 0.82 0.76
CA THR C 74 10.60 1.15 -0.24
C THR C 74 9.46 1.95 0.38
N ASP C 75 9.58 2.39 1.64
CA ASP C 75 8.49 3.08 2.32
C ASP C 75 8.69 4.59 2.22
N LYS C 76 7.80 5.26 1.46
CA LYS C 76 7.90 6.69 1.19
C LYS C 76 7.65 7.51 2.46
N HIS C 77 7.00 6.91 3.47
CA HIS C 77 6.77 7.59 4.74
C HIS C 77 8.07 7.87 5.48
N LEU C 78 9.15 7.12 5.17
CA LEU C 78 10.43 7.29 5.83
C LEU C 78 11.27 8.42 5.21
N SER C 79 10.75 9.11 4.19
CA SER C 79 11.44 10.24 3.60
C SER C 79 10.42 11.36 3.32
N PRO C 80 9.75 11.91 4.35
CA PRO C 80 8.77 12.98 4.11
C PRO C 80 9.34 14.18 3.37
N ASP C 81 10.64 14.49 3.59
CA ASP C 81 11.25 15.66 2.96
C ASP C 81 12.50 15.26 2.20
N GLY C 82 12.51 14.03 1.67
CA GLY C 82 13.52 13.63 0.71
C GLY C 82 14.51 12.64 1.31
N GLN C 83 15.43 12.18 0.46
CA GLN C 83 16.35 11.11 0.79
C GLN C 83 17.75 11.69 0.92
N TYR C 84 18.21 11.83 2.16
CA TYR C 84 19.55 12.28 2.49
C TYR C 84 19.99 11.52 3.73
N VAL C 85 21.31 11.54 3.97
CA VAL C 85 21.93 10.93 5.14
C VAL C 85 22.88 11.94 5.77
N PRO C 86 23.12 11.88 7.11
CA PRO C 86 22.42 10.98 8.01
C PRO C 86 20.99 11.45 8.32
N ARG C 87 20.08 10.49 8.50
CA ARG C 87 18.67 10.77 8.74
C ARG C 87 18.12 9.73 9.71
N ILE C 88 17.44 10.19 10.79
CA ILE C 88 16.94 9.30 11.83
C ILE C 88 15.43 9.44 11.94
N MET C 89 14.71 8.36 11.63
CA MET C 89 13.25 8.33 11.70
C MET C 89 12.80 7.42 12.83
N PHE C 90 11.61 7.73 13.37
CA PHE C 90 11.00 6.94 14.42
C PHE C 90 9.68 6.38 13.90
N VAL C 91 9.39 5.13 14.29
CA VAL C 91 8.15 4.47 13.95
C VAL C 91 7.51 3.98 15.24
N ASP C 92 6.22 4.28 15.38
CA ASP C 92 5.43 3.83 16.52
C ASP C 92 5.06 2.36 16.31
N PRO C 93 4.87 1.57 17.40
CA PRO C 93 4.54 0.15 17.26
C PRO C 93 3.15 -0.14 16.68
N SER C 94 2.31 0.89 16.56
CA SER C 94 1.10 0.80 15.77
C SER C 94 1.43 0.81 14.27
N LEU C 95 2.72 0.82 13.95
CA LEU C 95 3.24 0.94 12.59
C LEU C 95 2.85 2.29 11.98
N THR C 96 3.03 3.35 12.76
CA THR C 96 2.88 4.73 12.28
C THR C 96 4.23 5.42 12.32
N VAL C 97 4.68 5.91 11.16
CA VAL C 97 5.92 6.67 11.10
C VAL C 97 5.69 8.01 11.79
N ARG C 98 6.63 8.39 12.69
CA ARG C 98 6.53 9.63 13.43
C ARG C 98 7.14 10.77 12.60
N ALA C 99 6.38 11.29 11.63
CA ALA C 99 6.85 12.41 10.81
C ALA C 99 6.86 13.69 11.64
N ASP C 100 6.17 13.65 12.79
CA ASP C 100 6.08 14.77 13.72
C ASP C 100 7.29 14.83 14.64
N ILE C 101 8.21 13.84 14.57
CA ILE C 101 9.40 13.85 15.41
C ILE C 101 10.60 14.22 14.54
N THR C 102 10.95 15.51 14.61
CA THR C 102 11.88 16.16 13.70
C THR C 102 13.04 16.74 14.50
N GLY C 103 14.17 16.96 13.80
CA GLY C 103 15.33 17.60 14.38
C GLY C 103 15.26 19.12 14.21
N ARG C 104 16.43 19.76 14.17
CA ARG C 104 16.52 21.21 14.33
C ARG C 104 16.31 21.98 13.03
N TYR C 105 16.46 21.32 11.86
CA TYR C 105 16.63 22.04 10.60
C TYR C 105 15.38 21.97 9.72
N SER C 106 14.87 23.15 9.37
CA SER C 106 13.65 23.27 8.58
C SER C 106 13.81 22.66 7.18
N ASN C 107 15.05 22.60 6.65
CA ASN C 107 15.25 22.20 5.27
C ASN C 107 15.45 20.68 5.16
N ARG C 108 15.97 20.06 6.23
CA ARG C 108 16.16 18.61 6.32
C ARG C 108 15.71 18.12 7.70
N LEU C 109 14.41 17.83 7.79
CA LEU C 109 13.69 17.75 9.04
C LEU C 109 14.10 16.55 9.88
N TYR C 110 14.85 15.59 9.33
CA TYR C 110 15.18 14.40 10.10
C TYR C 110 16.70 14.20 10.12
N ALA C 111 17.42 15.26 9.72
CA ALA C 111 18.88 15.31 9.85
C ALA C 111 19.27 15.76 11.26
N TYR C 112 20.39 15.19 11.73
CA TYR C 112 21.01 15.53 13.01
C TYR C 112 22.50 15.74 12.78
N GLU C 113 23.04 16.80 13.38
CA GLU C 113 24.47 17.09 13.36
C GLU C 113 25.06 16.61 14.68
N PRO C 114 26.40 16.53 14.81
CA PRO C 114 27.02 16.02 16.04
C PRO C 114 26.62 16.78 17.31
N ALA C 115 26.34 18.08 17.19
CA ALA C 115 25.98 18.88 18.37
C ALA C 115 24.55 18.61 18.84
N ASP C 116 23.79 17.75 18.13
CA ASP C 116 22.36 17.64 18.36
C ASP C 116 22.01 16.40 19.20
N THR C 117 22.94 15.89 20.02
CA THR C 117 22.68 14.68 20.78
C THR C 117 21.56 14.90 21.81
N ALA C 118 21.49 16.09 22.41
CA ALA C 118 20.47 16.39 23.41
C ALA C 118 19.07 16.31 22.81
N LEU C 119 18.91 16.90 21.61
CA LEU C 119 17.62 16.90 20.91
C LEU C 119 17.29 15.48 20.46
N LEU C 120 18.31 14.71 20.07
CA LEU C 120 18.10 13.33 19.63
C LEU C 120 17.53 12.53 20.81
N LEU C 121 18.19 12.65 21.97
CA LEU C 121 17.74 12.00 23.18
C LEU C 121 16.29 12.37 23.51
N ASP C 122 15.97 13.65 23.39
CA ASP C 122 14.64 14.13 23.73
C ASP C 122 13.60 13.57 22.76
N ASN C 123 14.01 13.37 21.50
CA ASN C 123 13.13 12.85 20.46
C ASN C 123 12.88 11.36 20.67
N MET C 124 13.91 10.64 21.09
CA MET C 124 13.78 9.26 21.49
C MET C 124 12.77 9.13 22.63
N LYS C 125 12.81 10.06 23.60
CA LYS C 125 11.82 10.09 24.67
C LYS C 125 10.42 10.35 24.12
N LYS C 126 10.32 11.25 23.13
CA LYS C 126 9.06 11.54 22.46
C LYS C 126 8.49 10.28 21.80
N ALA C 127 9.36 9.48 21.17
CA ALA C 127 8.96 8.29 20.44
C ALA C 127 8.48 7.19 21.41
N LEU C 128 8.99 7.22 22.65
CA LEU C 128 8.62 6.27 23.68
C LEU C 128 7.24 6.56 24.27
N LYS C 129 6.76 7.80 24.11
CA LYS C 129 5.36 8.11 24.40
C LYS C 129 4.51 7.61 23.24
N LEU C 130 3.97 6.40 23.41
CA LEU C 130 3.37 5.65 22.31
C LEU C 130 2.05 6.28 21.93
N LEU C 131 1.66 6.11 20.67
CA LEU C 131 0.42 6.66 20.15
C LEU C 131 -0.78 5.88 20.74
N GLN D 2 -24.48 15.40 -10.45
CA GLN D 2 -24.67 14.09 -11.15
C GLN D 2 -25.58 13.21 -10.31
N THR D 3 -26.36 12.36 -11.01
CA THR D 3 -27.23 11.34 -10.44
C THR D 3 -26.68 9.96 -10.82
N LEU D 4 -26.93 8.96 -9.96
CA LEU D 4 -26.27 7.66 -10.06
C LEU D 4 -26.84 6.78 -11.18
N SER D 5 -28.13 6.95 -11.51
CA SER D 5 -28.76 6.15 -12.55
C SER D 5 -27.94 6.17 -13.83
N ARG D 6 -27.51 7.37 -14.26
CA ARG D 6 -26.77 7.58 -15.49
C ARG D 6 -27.49 6.95 -16.68
N GLY D 7 -28.82 6.96 -16.66
CA GLY D 7 -29.64 6.48 -17.77
C GLY D 7 -29.95 4.98 -17.72
N TRP D 8 -29.41 4.24 -16.74
CA TRP D 8 -29.60 2.80 -16.66
C TRP D 8 -30.92 2.44 -15.99
N GLY D 9 -31.50 3.34 -15.21
CA GLY D 9 -32.78 3.05 -14.58
C GLY D 9 -33.11 4.09 -13.52
N ASP D 10 -33.86 5.11 -13.93
CA ASP D 10 -34.14 6.26 -13.10
C ASP D 10 -35.05 5.88 -11.93
N GLN D 11 -35.77 4.75 -12.04
CA GLN D 11 -36.70 4.35 -10.99
C GLN D 11 -36.10 3.27 -10.08
N LEU D 12 -34.79 3.00 -10.22
CA LEU D 12 -34.07 2.07 -9.36
C LEU D 12 -33.23 2.86 -8.36
N ILE D 13 -32.84 2.20 -7.26
CA ILE D 13 -31.99 2.80 -6.24
C ILE D 13 -30.57 2.25 -6.41
N TRP D 14 -29.69 3.15 -6.84
CA TRP D 14 -28.30 2.84 -7.15
C TRP D 14 -27.42 3.19 -5.96
N THR D 15 -26.33 2.44 -5.81
N THR D 15 -26.36 2.41 -5.75
CA THR D 15 -25.34 2.67 -4.78
CA THR D 15 -25.37 2.74 -4.74
C THR D 15 -24.18 3.47 -5.40
C THR D 15 -24.30 3.60 -5.41
N GLN D 16 -23.57 4.33 -4.59
CA GLN D 16 -22.59 5.28 -5.09
C GLN D 16 -21.26 4.59 -5.34
N THR D 17 -20.82 3.74 -4.41
CA THR D 17 -19.47 3.21 -4.46
C THR D 17 -19.49 1.69 -4.27
N TYR D 18 -18.40 1.06 -4.71
CA TYR D 18 -18.28 -0.39 -4.64
C TYR D 18 -18.29 -0.87 -3.20
N GLU D 19 -17.57 -0.15 -2.33
CA GLU D 19 -17.45 -0.51 -0.92
C GLU D 19 -18.83 -0.51 -0.25
N GLU D 20 -19.62 0.54 -0.51
CA GLU D 20 -20.98 0.62 -0.02
C GLU D 20 -21.82 -0.55 -0.56
N ALA D 21 -21.61 -0.88 -1.85
CA ALA D 21 -22.39 -1.92 -2.53
C ALA D 21 -22.12 -3.29 -1.91
N LEU D 22 -20.85 -3.61 -1.65
CA LEU D 22 -20.46 -4.85 -0.97
C LEU D 22 -21.09 -4.96 0.42
N TYR D 23 -21.06 -3.85 1.18
CA TYR D 23 -21.60 -3.84 2.53
C TYR D 23 -23.10 -4.13 2.46
N LYS D 24 -23.81 -3.46 1.53
CA LYS D 24 -25.24 -3.65 1.37
C LYS D 24 -25.56 -5.07 0.93
N SER D 25 -24.75 -5.64 0.04
CA SER D 25 -24.98 -7.00 -0.46
C SER D 25 -24.92 -8.00 0.70
N LYS D 26 -23.82 -7.91 1.47
CA LYS D 26 -23.58 -8.81 2.59
C LYS D 26 -24.69 -8.68 3.63
N THR D 27 -25.12 -7.45 3.97
CA THR D 27 -26.04 -7.26 5.08
C THR D 27 -27.46 -7.61 4.63
N SER D 28 -27.84 -7.26 3.40
CA SER D 28 -29.18 -7.52 2.90
C SER D 28 -29.32 -8.96 2.39
N ASN D 29 -28.18 -9.64 2.20
CA ASN D 29 -28.12 -10.96 1.60
C ASN D 29 -28.66 -10.94 0.17
N LYS D 30 -28.61 -9.79 -0.50
CA LYS D 30 -28.99 -9.70 -1.91
C LYS D 30 -27.74 -9.71 -2.78
N PRO D 31 -27.79 -10.33 -3.98
CA PRO D 31 -26.66 -10.29 -4.90
C PRO D 31 -26.48 -8.89 -5.47
N LEU D 32 -25.23 -8.58 -5.84
CA LEU D 32 -24.86 -7.29 -6.39
C LEU D 32 -24.65 -7.40 -7.90
N MET D 33 -25.31 -6.52 -8.66
CA MET D 33 -25.08 -6.40 -10.10
C MET D 33 -24.35 -5.10 -10.41
N ILE D 34 -23.20 -5.22 -11.09
CA ILE D 34 -22.31 -4.12 -11.40
C ILE D 34 -22.18 -3.96 -12.91
N ILE D 35 -22.60 -2.79 -13.41
CA ILE D 35 -22.57 -2.44 -14.82
C ILE D 35 -21.43 -1.44 -15.05
N HIS D 36 -20.38 -1.89 -15.76
CA HIS D 36 -19.29 -1.04 -16.18
C HIS D 36 -19.58 -0.50 -17.57
N HIS D 37 -19.55 0.84 -17.74
CA HIS D 37 -19.87 1.50 -19.00
C HIS D 37 -19.01 2.75 -19.22
N LEU D 38 -19.11 3.35 -20.41
CA LEU D 38 -18.41 4.59 -20.75
C LEU D 38 -19.35 5.48 -21.54
N ASP D 39 -19.33 6.79 -21.24
CA ASP D 39 -20.21 7.72 -21.91
C ASP D 39 -19.81 7.83 -23.39
N GLU D 40 -18.53 7.61 -23.69
CA GLU D 40 -18.02 7.77 -25.04
C GLU D 40 -18.25 6.52 -25.89
N CYS D 41 -18.70 5.43 -25.24
CA CYS D 41 -18.80 4.12 -25.86
C CYS D 41 -20.19 3.92 -26.47
N PRO D 42 -20.31 3.72 -27.81
CA PRO D 42 -21.63 3.54 -28.43
C PRO D 42 -22.30 2.23 -28.06
N HIS D 43 -21.50 1.20 -27.73
CA HIS D 43 -22.01 -0.09 -27.30
C HIS D 43 -22.63 0.04 -25.91
N SER D 44 -21.92 0.75 -25.03
CA SER D 44 -22.45 1.11 -23.72
C SER D 44 -23.81 1.77 -23.86
N GLN D 45 -23.93 2.70 -24.82
CA GLN D 45 -25.15 3.49 -24.94
C GLN D 45 -26.28 2.65 -25.54
N ALA D 46 -25.94 1.72 -26.44
CA ALA D 46 -26.95 0.87 -27.06
C ALA D 46 -27.49 -0.10 -26.02
N LEU D 47 -26.61 -0.65 -25.19
CA LEU D 47 -27.04 -1.56 -24.14
C LEU D 47 -27.87 -0.83 -23.09
N LYS D 48 -27.44 0.38 -22.72
CA LYS D 48 -28.14 1.18 -21.73
C LYS D 48 -29.61 1.35 -22.14
N LYS D 49 -29.83 1.67 -23.41
CA LYS D 49 -31.17 1.93 -23.90
C LYS D 49 -32.09 0.72 -23.68
N VAL D 50 -31.65 -0.47 -24.11
CA VAL D 50 -32.50 -1.64 -24.05
C VAL D 50 -32.65 -2.08 -22.60
N PHE D 51 -31.59 -1.91 -21.79
CA PHE D 51 -31.66 -2.22 -20.37
C PHE D 51 -32.70 -1.34 -19.68
N ALA D 52 -32.67 -0.04 -19.95
CA ALA D 52 -33.56 0.92 -19.30
C ALA D 52 -35.02 0.66 -19.67
N GLU D 53 -35.24 0.17 -20.90
CA GLU D 53 -36.59 0.01 -21.43
C GLU D 53 -37.14 -1.39 -21.23
N ASN D 54 -36.32 -2.31 -20.72
CA ASN D 54 -36.73 -3.70 -20.56
C ASN D 54 -37.49 -3.86 -19.25
N LYS D 55 -38.80 -4.08 -19.34
CA LYS D 55 -39.65 -4.07 -18.17
C LYS D 55 -39.32 -5.20 -17.21
N GLU D 56 -38.91 -6.37 -17.73
CA GLU D 56 -38.62 -7.52 -16.88
C GLU D 56 -37.33 -7.30 -16.11
N ILE D 57 -36.30 -6.75 -16.77
CA ILE D 57 -35.01 -6.46 -16.12
C ILE D 57 -35.21 -5.42 -15.02
N GLN D 58 -35.95 -4.34 -15.35
CA GLN D 58 -36.18 -3.26 -14.41
C GLN D 58 -36.87 -3.78 -13.14
N LYS D 59 -37.72 -4.79 -13.29
CA LYS D 59 -38.50 -5.30 -12.16
C LYS D 59 -37.63 -6.24 -11.32
N LEU D 60 -36.85 -7.10 -11.98
CA LEU D 60 -36.04 -8.08 -11.29
C LEU D 60 -34.88 -7.39 -10.58
N ALA D 61 -34.46 -6.24 -11.11
CA ALA D 61 -33.35 -5.46 -10.55
C ALA D 61 -33.65 -5.02 -9.11
N GLU D 62 -34.92 -4.97 -8.73
CA GLU D 62 -35.32 -4.66 -7.36
C GLU D 62 -34.78 -5.69 -6.36
N GLN D 63 -34.43 -6.90 -6.83
CA GLN D 63 -33.93 -7.96 -5.98
C GLN D 63 -32.42 -7.89 -5.77
N PHE D 64 -31.78 -6.85 -6.32
CA PHE D 64 -30.33 -6.74 -6.32
C PHE D 64 -29.88 -5.48 -5.59
N VAL D 65 -28.64 -5.50 -5.09
CA VAL D 65 -27.92 -4.26 -4.90
C VAL D 65 -27.37 -3.87 -6.28
N LEU D 66 -27.45 -2.57 -6.59
CA LEU D 66 -27.17 -2.07 -7.94
C LEU D 66 -26.03 -1.06 -7.90
N LEU D 67 -25.09 -1.21 -8.83
CA LEU D 67 -23.99 -0.27 -9.01
C LEU D 67 -23.67 -0.17 -10.50
N ASN D 68 -23.45 1.06 -10.97
CA ASN D 68 -22.91 1.31 -12.30
C ASN D 68 -21.77 2.32 -12.21
N LEU D 69 -20.70 2.01 -12.93
CA LEU D 69 -19.42 2.70 -12.86
C LEU D 69 -18.96 3.14 -14.24
N VAL D 70 -18.41 4.36 -14.33
CA VAL D 70 -17.71 4.81 -15.52
C VAL D 70 -16.20 4.76 -15.29
N TYR D 71 -15.76 4.16 -14.19
CA TYR D 71 -14.34 3.94 -13.97
C TYR D 71 -14.18 2.65 -13.17
N GLU D 72 -13.10 1.93 -13.42
CA GLU D 72 -12.89 0.64 -12.77
C GLU D 72 -12.70 0.78 -11.25
N THR D 73 -13.06 -0.27 -10.51
CA THR D 73 -12.61 -0.46 -9.14
C THR D 73 -11.18 -0.99 -9.17
N THR D 74 -10.57 -1.18 -8.00
CA THR D 74 -9.26 -1.81 -7.93
C THR D 74 -9.41 -3.30 -7.63
N ASP D 75 -10.65 -3.80 -7.66
CA ASP D 75 -10.89 -5.23 -7.47
C ASP D 75 -10.67 -5.98 -8.78
N LYS D 76 -9.53 -6.68 -8.87
CA LYS D 76 -9.17 -7.45 -10.04
C LYS D 76 -10.18 -8.56 -10.32
N HIS D 77 -10.87 -9.05 -9.29
CA HIS D 77 -11.87 -10.09 -9.47
C HIS D 77 -13.00 -9.61 -10.40
N LEU D 78 -13.19 -8.29 -10.53
CA LEU D 78 -14.25 -7.76 -11.39
C LEU D 78 -13.84 -7.69 -12.86
N SER D 79 -12.59 -8.03 -13.19
CA SER D 79 -12.16 -8.00 -14.58
C SER D 79 -11.37 -9.26 -14.91
N PRO D 80 -11.97 -10.46 -14.76
CA PRO D 80 -11.25 -11.72 -14.95
C PRO D 80 -10.67 -11.92 -16.35
N ASP D 81 -11.26 -11.28 -17.38
CA ASP D 81 -10.70 -11.39 -18.71
C ASP D 81 -10.44 -10.01 -19.30
N GLY D 82 -10.02 -9.07 -18.45
CA GLY D 82 -9.59 -7.75 -18.90
C GLY D 82 -10.65 -6.69 -18.65
N GLN D 83 -10.28 -5.43 -18.91
CA GLN D 83 -11.12 -4.29 -18.65
C GLN D 83 -11.68 -3.77 -19.97
N TYR D 84 -12.96 -4.02 -20.21
CA TYR D 84 -13.66 -3.53 -21.38
C TYR D 84 -15.08 -3.19 -20.93
N VAL D 85 -15.78 -2.43 -21.77
CA VAL D 85 -17.17 -2.07 -21.50
C VAL D 85 -17.97 -2.31 -22.77
N PRO D 86 -19.31 -2.51 -22.68
CA PRO D 86 -19.98 -2.72 -21.42
C PRO D 86 -19.77 -4.13 -20.87
N ARG D 87 -19.66 -4.21 -19.54
CA ARG D 87 -19.35 -5.43 -18.82
C ARG D 87 -20.22 -5.48 -17.57
N ILE D 88 -20.93 -6.60 -17.40
CA ILE D 88 -21.82 -6.76 -16.27
C ILE D 88 -21.32 -7.93 -15.42
N MET D 89 -20.94 -7.61 -14.18
CA MET D 89 -20.45 -8.60 -13.23
C MET D 89 -21.46 -8.78 -12.10
N PHE D 90 -21.52 -10.01 -11.57
CA PHE D 90 -22.37 -10.32 -10.43
C PHE D 90 -21.54 -10.71 -9.22
N VAL D 91 -21.99 -10.30 -8.04
CA VAL D 91 -21.31 -10.63 -6.80
C VAL D 91 -22.34 -11.26 -5.84
N ASP D 92 -21.95 -12.41 -5.28
CA ASP D 92 -22.78 -13.12 -4.33
C ASP D 92 -22.67 -12.43 -2.97
N PRO D 93 -23.72 -12.41 -2.13
CA PRO D 93 -23.64 -11.75 -0.82
C PRO D 93 -22.61 -12.31 0.16
N SER D 94 -22.01 -13.46 -0.17
CA SER D 94 -20.86 -13.99 0.53
C SER D 94 -19.58 -13.23 0.19
N LEU D 95 -19.71 -12.24 -0.71
CA LEU D 95 -18.61 -11.44 -1.23
C LEU D 95 -17.71 -12.32 -2.09
N THR D 96 -18.35 -13.19 -2.87
CA THR D 96 -17.71 -13.98 -3.92
C THR D 96 -18.16 -13.43 -5.27
N VAL D 97 -17.22 -13.00 -6.10
CA VAL D 97 -17.54 -12.55 -7.44
C VAL D 97 -17.98 -13.76 -8.28
N ARG D 98 -19.11 -13.62 -8.99
CA ARG D 98 -19.68 -14.71 -9.75
C ARG D 98 -19.09 -14.72 -11.17
N ALA D 99 -17.82 -15.11 -11.27
CA ALA D 99 -17.12 -15.14 -12.53
C ALA D 99 -17.65 -16.28 -13.40
N ASP D 100 -18.43 -17.17 -12.77
CA ASP D 100 -19.11 -18.26 -13.46
C ASP D 100 -20.40 -17.77 -14.11
N ILE D 101 -20.85 -16.53 -13.83
CA ILE D 101 -22.00 -16.00 -14.55
C ILE D 101 -21.50 -15.15 -15.73
N THR D 102 -21.39 -15.82 -16.88
CA THR D 102 -20.76 -15.27 -18.08
C THR D 102 -21.84 -14.99 -19.12
N GLY D 103 -21.53 -14.11 -20.07
CA GLY D 103 -22.43 -13.79 -21.16
C GLY D 103 -22.25 -14.74 -22.33
N ARG D 104 -22.51 -14.24 -23.55
CA ARG D 104 -22.67 -15.08 -24.72
C ARG D 104 -21.33 -15.41 -25.36
N TYR D 105 -20.32 -14.55 -25.12
CA TYR D 105 -19.13 -14.51 -25.97
C TYR D 105 -17.93 -15.09 -25.25
N SER D 106 -17.15 -15.86 -25.99
CA SER D 106 -16.02 -16.63 -25.49
C SER D 106 -14.77 -15.76 -25.28
N ASN D 107 -14.65 -14.67 -26.05
CA ASN D 107 -13.48 -13.80 -26.02
C ASN D 107 -13.67 -12.66 -25.02
N ARG D 108 -14.93 -12.26 -24.79
CA ARG D 108 -15.27 -11.21 -23.82
C ARG D 108 -16.35 -11.75 -22.88
N LEU D 109 -15.93 -12.39 -21.79
CA LEU D 109 -16.79 -13.28 -21.04
C LEU D 109 -17.96 -12.57 -20.33
N TYR D 110 -17.87 -11.26 -20.11
CA TYR D 110 -18.89 -10.54 -19.35
C TYR D 110 -19.48 -9.41 -20.20
N ALA D 111 -19.29 -9.48 -21.52
CA ALA D 111 -19.83 -8.45 -22.39
C ALA D 111 -21.25 -8.84 -22.81
N TYR D 112 -22.11 -7.83 -22.94
CA TYR D 112 -23.47 -7.98 -23.45
C TYR D 112 -23.69 -7.03 -24.62
N GLU D 113 -24.35 -7.53 -25.67
CA GLU D 113 -24.84 -6.70 -26.75
C GLU D 113 -26.31 -6.44 -26.49
N PRO D 114 -26.95 -5.49 -27.20
CA PRO D 114 -28.37 -5.20 -27.01
C PRO D 114 -29.30 -6.39 -27.18
N ALA D 115 -28.91 -7.34 -28.06
CA ALA D 115 -29.65 -8.56 -28.28
C ALA D 115 -29.69 -9.45 -27.04
N ASP D 116 -28.74 -9.25 -26.11
CA ASP D 116 -28.48 -10.21 -25.05
C ASP D 116 -29.27 -9.93 -23.76
N THR D 117 -30.41 -9.23 -23.83
CA THR D 117 -31.14 -8.91 -22.62
C THR D 117 -31.82 -10.16 -22.05
N ALA D 118 -32.28 -11.08 -22.90
CA ALA D 118 -32.91 -12.30 -22.41
C ALA D 118 -31.89 -13.13 -21.61
N LEU D 119 -30.65 -13.22 -22.13
CA LEU D 119 -29.59 -13.94 -21.43
C LEU D 119 -29.24 -13.21 -20.13
N LEU D 120 -29.19 -11.89 -20.16
CA LEU D 120 -28.86 -11.12 -18.97
C LEU D 120 -29.88 -11.41 -17.87
N LEU D 121 -31.15 -11.48 -18.27
CA LEU D 121 -32.23 -11.76 -17.33
C LEU D 121 -32.03 -13.14 -16.71
N ASP D 122 -31.65 -14.13 -17.53
CA ASP D 122 -31.39 -15.48 -17.04
C ASP D 122 -30.20 -15.48 -16.08
N ASN D 123 -29.16 -14.72 -16.43
CA ASN D 123 -28.00 -14.56 -15.56
C ASN D 123 -28.33 -13.90 -14.23
N MET D 124 -29.31 -12.98 -14.22
CA MET D 124 -29.75 -12.35 -13.00
C MET D 124 -30.44 -13.40 -12.11
N LYS D 125 -31.26 -14.27 -12.73
CA LYS D 125 -31.93 -15.33 -12.01
C LYS D 125 -30.88 -16.29 -11.44
N LYS D 126 -29.85 -16.60 -12.23
CA LYS D 126 -28.76 -17.44 -11.76
C LYS D 126 -28.09 -16.82 -10.53
N ALA D 127 -27.89 -15.49 -10.54
CA ALA D 127 -27.23 -14.80 -9.43
C ALA D 127 -28.07 -14.88 -8.16
N LEU D 128 -29.41 -14.94 -8.30
CA LEU D 128 -30.32 -15.01 -7.17
C LEU D 128 -30.35 -16.40 -6.54
N LYS D 129 -29.77 -17.40 -7.21
CA LYS D 129 -29.51 -18.69 -6.59
C LYS D 129 -28.15 -18.59 -5.89
N LEU D 130 -28.18 -18.22 -4.60
CA LEU D 130 -26.98 -17.85 -3.85
C LEU D 130 -26.09 -19.07 -3.69
N LEU D 131 -24.79 -18.82 -3.47
CA LEU D 131 -23.80 -19.90 -3.39
C LEU D 131 -24.02 -20.77 -2.14
N GLN E 2 25.88 -9.50 15.40
CA GLN E 2 25.22 -10.32 14.35
C GLN E 2 25.85 -10.01 12.99
N THR E 3 26.33 -11.07 12.32
CA THR E 3 26.91 -11.00 10.99
C THR E 3 25.80 -11.31 9.98
N LEU E 4 26.01 -10.91 8.72
CA LEU E 4 25.05 -11.17 7.65
C LEU E 4 25.11 -12.63 7.19
N SER E 5 26.31 -13.24 7.29
CA SER E 5 26.56 -14.61 6.88
C SER E 5 25.56 -15.59 7.51
N ARG E 6 25.43 -15.50 8.84
CA ARG E 6 24.55 -16.36 9.62
C ARG E 6 24.91 -17.82 9.42
N GLY E 7 26.21 -18.11 9.22
CA GLY E 7 26.72 -19.46 9.05
C GLY E 7 26.65 -20.01 7.62
N TRP E 8 26.15 -19.22 6.64
CA TRP E 8 25.97 -19.73 5.29
C TRP E 8 27.24 -19.61 4.44
N GLY E 9 28.19 -18.76 4.86
CA GLY E 9 29.40 -18.54 4.10
C GLY E 9 30.11 -17.28 4.58
N ASP E 10 31.02 -17.46 5.54
CA ASP E 10 31.62 -16.35 6.25
C ASP E 10 32.56 -15.55 5.34
N GLN E 11 33.15 -16.22 4.33
CA GLN E 11 34.07 -15.58 3.40
C GLN E 11 33.33 -14.85 2.27
N LEU E 12 31.99 -15.00 2.20
CA LEU E 12 31.22 -14.40 1.13
C LEU E 12 30.82 -12.97 1.51
N ILE E 13 30.49 -12.18 0.48
CA ILE E 13 30.01 -10.82 0.68
C ILE E 13 28.49 -10.83 0.56
N TRP E 14 27.82 -10.73 1.71
CA TRP E 14 26.38 -10.77 1.79
C TRP E 14 25.84 -9.34 1.77
N THR E 15 24.61 -9.18 1.26
CA THR E 15 23.92 -7.90 1.28
C THR E 15 22.88 -7.91 2.38
N GLN E 16 22.60 -6.74 2.96
CA GLN E 16 21.74 -6.66 4.14
C GLN E 16 20.27 -6.76 3.74
N THR E 17 19.83 -6.00 2.73
CA THR E 17 18.41 -5.87 2.46
C THR E 17 18.10 -6.27 1.02
N TYR E 18 16.85 -6.69 0.79
CA TYR E 18 16.39 -7.04 -0.54
C TYR E 18 16.52 -5.86 -1.50
N GLU E 19 16.09 -4.68 -1.05
CA GLU E 19 16.11 -3.45 -1.85
C GLU E 19 17.52 -3.21 -2.38
N GLU E 20 18.50 -3.33 -1.47
CA GLU E 20 19.89 -3.08 -1.84
C GLU E 20 20.38 -4.19 -2.76
N ALA E 21 19.95 -5.44 -2.51
CA ALA E 21 20.37 -6.57 -3.33
C ALA E 21 19.89 -6.42 -4.76
N LEU E 22 18.65 -5.95 -4.95
CA LEU E 22 18.09 -5.74 -6.29
C LEU E 22 18.87 -4.66 -7.03
N TYR E 23 19.23 -3.59 -6.31
CA TYR E 23 20.05 -2.53 -6.86
C TYR E 23 21.42 -3.09 -7.29
N LYS E 24 22.06 -3.89 -6.44
CA LYS E 24 23.37 -4.43 -6.76
C LYS E 24 23.31 -5.33 -8.00
N SER E 25 22.26 -6.15 -8.10
CA SER E 25 22.12 -7.11 -9.17
C SER E 25 21.99 -6.38 -10.51
N LYS E 26 21.07 -5.41 -10.54
CA LYS E 26 20.79 -4.62 -11.73
C LYS E 26 21.99 -3.80 -12.16
N THR E 27 22.77 -3.27 -11.23
CA THR E 27 23.85 -2.37 -11.60
C THR E 27 25.11 -3.16 -11.93
N SER E 28 25.22 -4.40 -11.43
CA SER E 28 26.43 -5.20 -11.65
C SER E 28 26.21 -6.30 -12.69
N ASN E 29 24.97 -6.46 -13.17
CA ASN E 29 24.62 -7.52 -14.09
C ASN E 29 24.93 -8.91 -13.52
N LYS E 30 24.87 -9.05 -12.18
CA LYS E 30 25.03 -10.35 -11.54
C LYS E 30 23.67 -10.82 -11.03
N PRO E 31 23.32 -12.12 -11.16
CA PRO E 31 22.07 -12.61 -10.60
C PRO E 31 22.12 -12.61 -9.08
N LEU E 32 20.94 -12.50 -8.47
CA LEU E 32 20.81 -12.47 -7.02
C LEU E 32 20.32 -13.83 -6.52
N MET E 33 21.03 -14.42 -5.54
CA MET E 33 20.59 -15.65 -4.88
C MET E 33 20.16 -15.34 -3.44
N ILE E 34 18.93 -15.78 -3.10
CA ILE E 34 18.25 -15.40 -1.87
C ILE E 34 17.89 -16.67 -1.10
N ILE E 35 18.50 -16.85 0.07
CA ILE E 35 18.27 -18.02 0.90
C ILE E 35 17.38 -17.64 2.07
N HIS E 36 16.17 -18.22 2.12
CA HIS E 36 15.27 -18.04 3.24
C HIS E 36 15.47 -19.19 4.21
N HIS E 37 15.67 -18.87 5.50
CA HIS E 37 15.91 -19.90 6.52
C HIS E 37 15.36 -19.43 7.87
N LEU E 38 15.38 -20.35 8.84
CA LEU E 38 15.05 -20.08 10.24
C LEU E 38 16.08 -20.76 11.13
N ASP E 39 16.50 -20.04 12.18
CA ASP E 39 17.43 -20.54 13.18
C ASP E 39 16.85 -21.76 13.90
N GLU E 40 15.52 -21.79 14.08
CA GLU E 40 14.87 -22.85 14.84
C GLU E 40 14.54 -24.06 13.96
N CYS E 41 14.72 -23.93 12.64
CA CYS E 41 14.35 -24.96 11.68
C CYS E 41 15.49 -25.96 11.51
N PRO E 42 15.30 -27.26 11.82
CA PRO E 42 16.38 -28.24 11.64
C PRO E 42 16.73 -28.48 10.17
N HIS E 43 15.76 -28.30 9.27
CA HIS E 43 15.96 -28.46 7.84
C HIS E 43 16.90 -27.36 7.33
N SER E 44 16.62 -26.14 7.78
CA SER E 44 17.46 -24.98 7.48
C SER E 44 18.89 -25.26 7.94
N GLN E 45 19.06 -25.84 9.14
CA GLN E 45 20.38 -26.00 9.72
C GLN E 45 21.16 -27.09 8.98
N ALA E 46 20.48 -28.17 8.58
CA ALA E 46 21.13 -29.26 7.87
C ALA E 46 21.59 -28.79 6.48
N LEU E 47 20.78 -27.98 5.80
CA LEU E 47 21.13 -27.45 4.48
C LEU E 47 22.28 -26.46 4.60
N LYS E 48 22.21 -25.58 5.60
CA LYS E 48 23.26 -24.61 5.86
C LYS E 48 24.61 -25.31 6.00
N LYS E 49 24.64 -26.44 6.71
CA LYS E 49 25.88 -27.14 6.96
C LYS E 49 26.54 -27.56 5.64
N VAL E 50 25.77 -28.20 4.75
CA VAL E 50 26.32 -28.72 3.50
C VAL E 50 26.64 -27.55 2.58
N PHE E 51 25.79 -26.52 2.59
CA PHE E 51 26.03 -25.33 1.78
C PHE E 51 27.36 -24.68 2.15
N ALA E 52 27.61 -24.49 3.44
CA ALA E 52 28.79 -23.77 3.91
C ALA E 52 30.06 -24.54 3.62
N GLU E 53 29.95 -25.88 3.54
CA GLU E 53 31.10 -26.75 3.43
C GLU E 53 31.38 -27.14 1.97
N ASN E 54 30.42 -26.83 1.08
CA ASN E 54 30.56 -27.19 -0.33
C ASN E 54 31.43 -26.15 -1.03
N LYS E 55 32.65 -26.54 -1.42
CA LYS E 55 33.59 -25.60 -2.00
C LYS E 55 33.13 -25.10 -3.36
N GLU E 56 32.48 -25.96 -4.14
CA GLU E 56 31.99 -25.57 -5.46
C GLU E 56 30.92 -24.48 -5.33
N ILE E 57 29.99 -24.67 -4.40
CA ILE E 57 28.91 -23.70 -4.17
C ILE E 57 29.52 -22.39 -3.66
N GLN E 58 30.45 -22.51 -2.70
CA GLN E 58 31.07 -21.36 -2.08
C GLN E 58 31.81 -20.55 -3.15
N LYS E 59 32.43 -21.22 -4.13
CA LYS E 59 33.21 -20.51 -5.14
C LYS E 59 32.28 -19.89 -6.18
N LEU E 60 31.26 -20.64 -6.61
CA LEU E 60 30.34 -20.17 -7.62
C LEU E 60 29.51 -19.01 -7.06
N ALA E 61 29.28 -19.01 -5.73
CA ALA E 61 28.49 -17.96 -5.09
C ALA E 61 29.11 -16.58 -5.32
N GLU E 62 30.43 -16.52 -5.52
CA GLU E 62 31.12 -15.26 -5.78
C GLU E 62 30.56 -14.54 -7.02
N GLN E 63 29.93 -15.27 -7.95
CA GLN E 63 29.42 -14.67 -9.18
C GLN E 63 27.99 -14.16 -9.00
N PHE E 64 27.48 -14.16 -7.75
CA PHE E 64 26.14 -13.71 -7.42
C PHE E 64 26.18 -12.52 -6.47
N VAL E 65 25.08 -11.76 -6.45
CA VAL E 65 24.71 -10.96 -5.30
C VAL E 65 24.03 -11.92 -4.30
N LEU E 66 24.36 -11.78 -3.02
CA LEU E 66 23.97 -12.79 -2.05
C LEU E 66 23.15 -12.15 -0.92
N LEU E 67 22.00 -12.78 -0.63
CA LEU E 67 21.10 -12.38 0.43
C LEU E 67 20.57 -13.61 1.16
N ASN E 68 20.65 -13.60 2.50
CA ASN E 68 19.97 -14.61 3.30
C ASN E 68 19.10 -13.94 4.36
N LEU E 69 17.90 -14.49 4.54
CA LEU E 69 16.82 -13.85 5.29
C LEU E 69 16.26 -14.83 6.32
N VAL E 70 15.99 -14.34 7.53
CA VAL E 70 15.21 -15.07 8.52
C VAL E 70 13.80 -14.48 8.61
N TYR E 71 13.48 -13.54 7.71
CA TYR E 71 12.17 -12.93 7.69
C TYR E 71 11.82 -12.60 6.24
N GLU E 72 10.57 -12.85 5.86
CA GLU E 72 10.15 -12.78 4.47
C GLU E 72 10.19 -11.36 3.96
N THR E 73 10.49 -11.21 2.65
CA THR E 73 10.38 -9.91 1.99
C THR E 73 8.89 -9.61 1.79
N THR E 74 8.61 -8.43 1.22
CA THR E 74 7.25 -8.01 0.90
C THR E 74 6.94 -8.37 -0.55
N ASP E 75 7.88 -9.07 -1.22
CA ASP E 75 7.74 -9.37 -2.63
C ASP E 75 7.14 -10.77 -2.80
N LYS E 76 5.86 -10.80 -3.21
CA LYS E 76 5.12 -12.04 -3.37
C LYS E 76 5.70 -12.93 -4.47
N HIS E 77 6.44 -12.35 -5.42
CA HIS E 77 7.11 -13.13 -6.44
C HIS E 77 8.12 -14.09 -5.82
N LEU E 78 8.57 -13.80 -4.59
CA LEU E 78 9.58 -14.63 -3.94
C LEU E 78 8.95 -15.83 -3.22
N SER E 79 7.63 -15.92 -3.20
CA SER E 79 6.98 -17.09 -2.62
C SER E 79 5.88 -17.60 -3.55
N PRO E 80 6.21 -18.03 -4.79
CA PRO E 80 5.18 -18.45 -5.74
C PRO E 80 4.37 -19.69 -5.32
N ASP E 81 4.91 -20.54 -4.43
CA ASP E 81 4.14 -21.63 -3.85
C ASP E 81 4.16 -21.59 -2.33
N GLY E 82 4.16 -20.36 -1.76
CA GLY E 82 4.01 -20.18 -0.32
C GLY E 82 5.33 -19.87 0.38
N GLN E 83 5.24 -19.62 1.69
CA GLN E 83 6.36 -19.19 2.51
C GLN E 83 6.79 -20.34 3.41
N TYR E 84 7.92 -20.96 3.08
CA TYR E 84 8.45 -22.09 3.82
C TYR E 84 9.96 -21.99 3.73
N VAL E 85 10.66 -22.64 4.66
CA VAL E 85 12.12 -22.62 4.67
C VAL E 85 12.61 -24.06 4.82
N PRO E 86 13.84 -24.38 4.36
CA PRO E 86 14.66 -23.48 3.57
C PRO E 86 14.18 -23.40 2.12
N ARG E 87 14.34 -22.20 1.53
CA ARG E 87 13.86 -21.91 0.18
C ARG E 87 14.90 -21.02 -0.46
N ILE E 88 15.36 -21.39 -1.66
CA ILE E 88 16.38 -20.63 -2.37
C ILE E 88 15.77 -20.12 -3.68
N MET E 89 15.69 -18.78 -3.80
CA MET E 89 15.12 -18.13 -4.97
C MET E 89 16.22 -17.40 -5.73
N PHE E 90 16.06 -17.32 -7.05
CA PHE E 90 16.99 -16.60 -7.92
C PHE E 90 16.27 -15.44 -8.59
N VAL E 91 16.99 -14.32 -8.72
CA VAL E 91 16.49 -13.13 -9.39
C VAL E 91 17.51 -12.72 -10.46
N ASP E 92 17.02 -12.45 -11.67
CA ASP E 92 17.84 -12.06 -12.80
C ASP E 92 18.14 -10.56 -12.71
N PRO E 93 19.31 -10.07 -13.23
CA PRO E 93 19.65 -8.65 -13.16
C PRO E 93 18.64 -7.70 -13.80
N SER E 94 17.72 -8.23 -14.61
CA SER E 94 16.62 -7.46 -15.16
C SER E 94 15.52 -7.21 -14.11
N LEU E 95 15.67 -7.77 -12.90
CA LEU E 95 14.69 -7.71 -11.82
C LEU E 95 13.46 -8.53 -12.22
N THR E 96 13.72 -9.70 -12.79
CA THR E 96 12.74 -10.74 -13.02
C THR E 96 13.10 -11.90 -12.11
N VAL E 97 12.16 -12.26 -11.23
CA VAL E 97 12.33 -13.40 -10.35
C VAL E 97 12.29 -14.67 -11.21
N ARG E 98 13.32 -15.51 -11.05
CA ARG E 98 13.42 -16.75 -11.81
C ARG E 98 12.60 -17.85 -11.14
N ALA E 99 11.26 -17.71 -11.20
CA ALA E 99 10.37 -18.71 -10.66
C ALA E 99 10.46 -20.02 -11.46
N ASP E 100 11.14 -19.97 -12.61
CA ASP E 100 11.38 -21.13 -13.46
C ASP E 100 12.62 -21.90 -13.01
N ILE E 101 13.37 -21.38 -12.02
CA ILE E 101 14.48 -22.14 -11.47
C ILE E 101 13.99 -22.81 -10.19
N THR E 102 13.52 -24.06 -10.36
CA THR E 102 12.87 -24.83 -9.32
C THR E 102 13.79 -25.99 -8.92
N GLY E 103 13.58 -26.52 -7.71
CA GLY E 103 14.36 -27.66 -7.24
C GLY E 103 13.66 -28.98 -7.57
N ARG E 104 13.93 -29.98 -6.75
CA ARG E 104 13.54 -31.36 -7.00
C ARG E 104 12.04 -31.59 -6.79
N TYR E 105 11.43 -30.86 -5.85
CA TYR E 105 10.16 -31.27 -5.25
C TYR E 105 9.00 -30.51 -5.87
N SER E 106 7.91 -31.24 -6.16
CA SER E 106 6.72 -30.71 -6.81
C SER E 106 5.83 -29.93 -5.84
N ASN E 107 5.88 -30.30 -4.55
CA ASN E 107 5.02 -29.70 -3.54
C ASN E 107 5.68 -28.44 -2.94
N ARG E 108 7.02 -28.39 -2.96
CA ARG E 108 7.78 -27.23 -2.50
C ARG E 108 8.83 -26.89 -3.54
N LEU E 109 8.47 -25.99 -4.47
CA LEU E 109 9.19 -25.87 -5.73
C LEU E 109 10.60 -25.30 -5.54
N TYR E 110 10.87 -24.62 -4.41
CA TYR E 110 12.15 -23.95 -4.21
C TYR E 110 12.85 -24.49 -2.95
N ALA E 111 12.42 -25.65 -2.47
CA ALA E 111 13.09 -26.29 -1.34
C ALA E 111 14.26 -27.14 -1.82
N TYR E 112 15.32 -27.17 -1.01
CA TYR E 112 16.44 -28.08 -1.21
C TYR E 112 16.65 -28.88 0.07
N GLU E 113 16.98 -30.18 -0.09
CA GLU E 113 17.45 -31.03 0.97
C GLU E 113 18.97 -31.13 0.86
N PRO E 114 19.68 -31.59 1.91
CA PRO E 114 21.14 -31.63 1.90
C PRO E 114 21.76 -32.43 0.76
N ALA E 115 21.10 -33.50 0.31
CA ALA E 115 21.62 -34.30 -0.78
C ALA E 115 21.43 -33.63 -2.15
N ASP E 116 20.78 -32.47 -2.21
CA ASP E 116 20.44 -31.85 -3.48
C ASP E 116 21.43 -30.78 -3.91
N THR E 117 22.71 -30.89 -3.52
CA THR E 117 23.67 -29.84 -3.78
C THR E 117 24.03 -29.80 -5.26
N ALA E 118 24.06 -30.96 -5.93
CA ALA E 118 24.41 -30.99 -7.34
C ALA E 118 23.34 -30.24 -8.13
N LEU E 119 22.06 -30.44 -7.76
CA LEU E 119 20.95 -29.79 -8.44
C LEU E 119 21.00 -28.28 -8.18
N LEU E 120 21.38 -27.90 -6.94
CA LEU E 120 21.51 -26.49 -6.58
C LEU E 120 22.56 -25.84 -7.48
N LEU E 121 23.72 -26.50 -7.64
CA LEU E 121 24.77 -26.00 -8.50
C LEU E 121 24.24 -25.79 -9.93
N ASP E 122 23.50 -26.77 -10.45
CA ASP E 122 22.95 -26.69 -11.79
C ASP E 122 22.00 -25.49 -11.88
N ASN E 123 21.27 -25.22 -10.79
CA ASN E 123 20.29 -24.15 -10.79
C ASN E 123 20.98 -22.79 -10.67
N MET E 124 22.13 -22.75 -9.98
CA MET E 124 22.93 -21.54 -9.91
C MET E 124 23.49 -21.21 -11.30
N LYS E 125 23.97 -22.26 -12.00
CA LYS E 125 24.44 -22.10 -13.37
C LYS E 125 23.31 -21.62 -14.27
N LYS E 126 22.08 -22.12 -14.05
CA LYS E 126 20.94 -21.69 -14.85
C LYS E 126 20.68 -20.20 -14.64
N ALA E 127 20.86 -19.74 -13.39
CA ALA E 127 20.66 -18.34 -13.03
C ALA E 127 21.67 -17.45 -13.75
N LEU E 128 22.88 -17.97 -13.98
CA LEU E 128 23.96 -17.23 -14.62
C LEU E 128 23.77 -17.15 -16.14
N LYS E 129 22.90 -17.99 -16.69
CA LYS E 129 22.44 -17.81 -18.06
C LYS E 129 21.30 -16.80 -18.02
N LEU E 130 21.65 -15.53 -18.18
CA LEU E 130 20.73 -14.43 -17.94
C LEU E 130 19.58 -14.49 -18.94
N LEU E 131 18.43 -13.93 -18.54
CA LEU E 131 17.26 -13.92 -19.39
C LEU E 131 17.51 -13.05 -20.64
N GLY F 11 15.68 30.37 12.53
CA GLY F 11 15.43 29.03 11.97
C GLY F 11 16.67 28.51 11.23
N PRO F 12 17.45 27.59 11.82
CA PRO F 12 18.65 27.08 11.17
C PRO F 12 18.37 26.05 10.07
N THR F 13 19.30 25.98 9.12
CA THR F 13 19.30 24.96 8.07
C THR F 13 20.63 24.21 8.21
N THR F 14 20.71 23.03 7.58
CA THR F 14 21.95 22.26 7.56
C THR F 14 22.25 21.84 6.13
N ASP F 15 23.55 21.80 5.82
CA ASP F 15 24.06 21.11 4.65
C ASP F 15 25.02 20.00 5.09
N GLU F 16 24.91 19.57 6.36
CA GLU F 16 25.69 18.46 6.89
C GLU F 16 25.01 17.15 6.50
N VAL F 17 24.80 16.97 5.19
CA VAL F 17 24.19 15.78 4.63
C VAL F 17 24.83 15.43 3.29
N THR F 18 24.65 14.16 2.91
CA THR F 18 24.86 13.71 1.55
C THR F 18 23.50 13.30 1.01
N LEU F 19 23.20 13.74 -0.23
CA LEU F 19 21.93 13.43 -0.87
C LEU F 19 22.02 12.04 -1.52
N GLN F 20 20.92 11.29 -1.45
CA GLN F 20 20.84 9.96 -2.02
C GLN F 20 20.54 10.11 -3.51
N VAL F 21 21.30 9.41 -4.36
CA VAL F 21 21.21 9.58 -5.81
C VAL F 21 20.16 8.61 -6.39
N SER F 30 3.02 -0.95 4.45
CA SER F 30 1.95 -1.19 5.46
C SER F 30 2.08 -0.24 6.65
N THR F 31 2.86 0.86 6.54
CA THR F 31 2.92 1.86 7.61
C THR F 31 1.88 2.94 7.36
N ALA F 32 1.39 3.54 8.45
CA ALA F 32 0.75 4.84 8.36
C ALA F 32 1.81 5.91 8.64
N VAL F 33 1.41 7.18 8.55
CA VAL F 33 2.28 8.28 8.90
C VAL F 33 1.51 9.28 9.78
N ARG F 34 2.22 9.87 10.75
CA ARG F 34 1.69 10.91 11.59
C ARG F 34 2.47 12.20 11.35
N TYR F 35 1.75 13.26 10.98
CA TYR F 35 2.32 14.59 10.81
C TYR F 35 1.86 15.47 11.98
N PRO F 36 2.55 16.61 12.24
CA PRO F 36 2.07 17.58 13.23
C PRO F 36 0.68 18.11 12.90
N SER F 37 -0.06 18.51 13.94
CA SER F 37 -1.35 19.16 13.75
C SER F 37 -1.15 20.52 13.05
N GLY F 38 -2.22 21.04 12.47
CA GLY F 38 -2.09 22.09 11.48
C GLY F 38 -2.37 23.46 12.07
N SER F 39 -2.13 24.48 11.24
CA SER F 39 -2.32 25.88 11.58
C SER F 39 -2.34 26.72 10.30
N VAL F 40 -2.90 27.93 10.40
CA VAL F 40 -2.95 28.88 9.31
C VAL F 40 -1.54 29.46 9.10
N ALA F 41 -1.09 29.51 7.84
CA ALA F 41 0.22 30.06 7.51
C ALA F 41 0.27 31.57 7.73
N LEU F 42 1.42 32.06 8.21
CA LEU F 42 1.72 33.49 8.31
C LEU F 42 2.20 34.00 6.94
N THR G 5 9.79 21.96 12.83
CA THR G 5 11.08 21.49 13.40
C THR G 5 10.92 21.28 14.90
N LEU G 6 11.95 20.67 15.50
CA LEU G 6 12.07 20.45 16.94
C LEU G 6 10.91 19.59 17.48
N ALA G 7 10.38 18.70 16.62
CA ALA G 7 9.42 17.68 17.00
C ALA G 7 8.17 18.28 17.66
N PRO G 8 7.27 18.95 16.91
CA PRO G 8 6.02 19.46 17.45
C PRO G 8 4.93 18.39 17.51
N ALA G 9 4.94 17.60 18.59
CA ALA G 9 4.18 16.35 18.70
C ALA G 9 2.87 16.55 19.46
N ASP G 10 2.54 17.81 19.83
CA ASP G 10 1.41 18.10 20.71
C ASP G 10 0.42 19.06 20.04
N GLY G 11 -0.72 19.28 20.71
CA GLY G 11 -1.79 20.11 20.18
C GLY G 11 -3.08 19.87 20.97
N PRO G 12 -4.19 20.56 20.64
CA PRO G 12 -5.48 20.29 21.27
C PRO G 12 -6.10 18.98 20.78
N THR G 13 -7.12 18.49 21.49
CA THR G 13 -7.82 17.28 21.08
C THR G 13 -9.29 17.63 20.80
N THR G 14 -9.96 16.77 20.02
CA THR G 14 -11.38 16.91 19.74
C THR G 14 -12.10 15.59 19.94
N ASP G 15 -13.37 15.68 20.37
CA ASP G 15 -14.29 14.55 20.33
C ASP G 15 -15.52 14.91 19.49
N GLU G 16 -15.42 15.96 18.64
CA GLU G 16 -16.49 16.34 17.73
C GLU G 16 -16.46 15.43 16.50
N VAL G 17 -16.55 14.13 16.75
CA VAL G 17 -16.52 13.13 15.70
C VAL G 17 -17.47 11.99 16.07
N THR G 18 -17.85 11.23 15.04
CA THR G 18 -18.47 9.92 15.19
C THR G 18 -17.48 8.90 14.64
N LEU G 19 -17.28 7.80 15.38
CA LEU G 19 -16.34 6.77 14.97
C LEU G 19 -17.02 5.84 13.98
N GLN G 20 -16.29 5.48 12.91
CA GLN G 20 -16.77 4.49 11.94
C GLN G 20 -16.61 3.10 12.58
N VAL G 21 -17.66 2.30 12.56
CA VAL G 21 -17.66 1.08 13.35
C VAL G 21 -16.88 -0.02 12.60
N GLY H 11 -17.44 -20.84 -28.56
CA GLY H 11 -18.69 -20.25 -29.10
C GLY H 11 -18.45 -18.90 -29.78
N PRO H 12 -19.51 -18.09 -29.97
CA PRO H 12 -19.40 -16.83 -30.70
C PRO H 12 -18.54 -15.79 -29.98
N THR H 13 -18.00 -14.84 -30.75
CA THR H 13 -17.21 -13.75 -30.21
C THR H 13 -17.93 -12.43 -30.49
N THR H 14 -17.53 -11.39 -29.74
CA THR H 14 -18.03 -10.05 -29.97
C THR H 14 -16.86 -9.08 -30.16
N ASP H 15 -17.11 -8.05 -30.99
CA ASP H 15 -16.23 -6.91 -31.11
C ASP H 15 -16.92 -5.65 -30.57
N GLU H 16 -18.12 -5.81 -29.97
CA GLU H 16 -18.94 -4.68 -29.56
C GLU H 16 -18.57 -4.24 -28.14
N VAL H 17 -17.27 -3.94 -27.94
CA VAL H 17 -16.76 -3.41 -26.68
C VAL H 17 -15.81 -2.24 -26.95
N THR H 18 -15.59 -1.43 -25.92
CA THR H 18 -14.49 -0.47 -25.87
C THR H 18 -13.51 -0.94 -24.81
N LEU H 19 -12.21 -1.00 -25.17
CA LEU H 19 -11.16 -1.33 -24.23
C LEU H 19 -10.84 -0.11 -23.37
N GLN H 20 -10.61 -0.33 -22.06
CA GLN H 20 -10.32 0.76 -21.12
C GLN H 20 -8.80 1.01 -21.05
N SER H 30 -11.57 -8.23 1.07
CA SER H 30 -12.05 -7.77 -0.26
C SER H 30 -13.11 -8.73 -0.78
N THR H 31 -12.82 -9.47 -1.86
CA THR H 31 -13.76 -10.44 -2.39
C THR H 31 -13.02 -11.75 -2.66
N ALA H 32 -13.78 -12.85 -2.70
CA ALA H 32 -13.31 -14.10 -3.29
C ALA H 32 -13.88 -14.19 -4.70
N VAL H 33 -13.57 -15.27 -5.42
CA VAL H 33 -14.06 -15.43 -6.79
C VAL H 33 -14.40 -16.90 -7.06
N ARG H 34 -15.52 -17.08 -7.77
CA ARG H 34 -15.92 -18.39 -8.27
C ARG H 34 -15.81 -18.39 -9.79
N TYR H 35 -15.00 -19.32 -10.32
CA TYR H 35 -14.70 -19.38 -11.74
C TYR H 35 -15.66 -20.34 -12.44
N PRO H 36 -15.73 -20.30 -13.79
CA PRO H 36 -16.38 -21.35 -14.56
C PRO H 36 -15.71 -22.71 -14.36
#